data_2VLM
#
_entry.id   2VLM
#
_cell.length_a   87.371
_cell.length_b   87.371
_cell.length_c   110.397
_cell.angle_alpha   90.00
_cell.angle_beta   90.00
_cell.angle_gamma   120.00
#
_symmetry.space_group_name_H-M   'P 61'
#
loop_
_entity.id
_entity.type
_entity.pdbx_description
1 polymer 'JM22 TCR ALPHA CHAIN'
2 polymer 'JM22 TCR BETA CHAIN'
3 water water
#
loop_
_entity_poly.entity_id
_entity_poly.type
_entity_poly.pdbx_seq_one_letter_code
_entity_poly.pdbx_strand_id
1 'polypeptide(L)'
;MQLLEQSPQFLSIQEGENLTVYCNSSSVFSSLQWYRQEPGEGPVLLVTVVTGGEVKKLKRLTFQFGDARKDSSLHITAAQ
PGDTGLYLCAGAGSQGNLIFGKGTKLSVKPNIQNPDPAVYQLRDSKSSDKSVCLFTDFDSQTNVSQSKDSDVYITDKTVL
DMRSMDFKSNSAVAWSNKSDFACANAFNNSIIPEDTFFPSK
;
D
2 'polypeptide(L)'
;MVDGGITQSPKYLFRKEGQNVTLSCEQNLNHDAMYWYRQDPGQGLRLIYYSQIVNDFQKGDIAEGYSVSREKKESFPLTV
TSAQKNPTAFYLCASSSRSSYEQYFGPGTRLTVTEDLKNVFPPEVAVFEPSEAEISHTQKATLVCLATGFYPDHVELSWW
VNGKEVHSGVSTDPQPLKEQPALNDSRYSLSSRLRVSATFWQNPRNHFRCQVQFYGLSENDEWTQDRAKPVTQIVSAEAW
GRAD
;
E
#
# COMPACT_ATOMS: atom_id res chain seq x y z
N GLN A 2 -6.36 4.36 -26.09
CA GLN A 2 -5.36 5.32 -26.64
C GLN A 2 -4.81 6.22 -25.53
N LEU A 3 -5.71 6.98 -24.89
CA LEU A 3 -5.37 7.80 -23.74
C LEU A 3 -6.59 7.80 -22.82
N LEU A 4 -6.41 7.26 -21.61
CA LEU A 4 -7.41 7.32 -20.55
C LEU A 4 -6.91 8.18 -19.37
N GLU A 5 -7.58 9.31 -19.11
CA GLU A 5 -7.14 10.23 -18.06
C GLU A 5 -8.07 10.21 -16.87
N GLN A 6 -7.49 10.22 -15.67
CA GLN A 6 -8.28 10.23 -14.45
C GLN A 6 -7.95 11.45 -13.62
N SER A 7 -8.99 12.03 -13.04
CA SER A 7 -8.93 13.29 -12.29
C SER A 7 -9.85 13.17 -11.09
N PRO A 8 -9.43 13.69 -9.91
CA PRO A 8 -8.09 14.21 -9.59
C PRO A 8 -7.10 13.07 -9.38
N GLN A 9 -5.81 13.33 -9.51
CA GLN A 9 -4.81 12.29 -9.21
C GLN A 9 -4.85 11.83 -7.75
N PHE A 10 -5.00 12.78 -6.82
CA PHE A 10 -5.13 12.50 -5.37
C PHE A 10 -6.29 13.26 -4.76
N LEU A 11 -6.98 12.63 -3.80
CA LEU A 11 -8.09 13.27 -3.10
C LEU A 11 -8.11 12.84 -1.63
N SER A 12 -7.99 13.83 -0.74
CA SER A 12 -8.05 13.62 0.69
C SER A 12 -9.26 14.37 1.21
N ILE A 13 -10.11 13.66 1.94
CA ILE A 13 -11.40 14.21 2.37
C ILE A 13 -11.82 13.69 3.75
N GLN A 14 -12.67 14.44 4.43
CA GLN A 14 -13.26 13.96 5.67
C GLN A 14 -14.35 12.89 5.45
N GLU A 15 -14.39 11.89 6.33
CA GLU A 15 -15.54 11.02 6.47
C GLU A 15 -16.82 11.87 6.47
N GLY A 16 -17.83 11.42 5.72
CA GLY A 16 -19.09 12.17 5.61
C GLY A 16 -19.20 13.03 4.37
N GLU A 17 -18.07 13.45 3.80
CA GLU A 17 -18.08 14.25 2.57
C GLU A 17 -18.58 13.40 1.41
N ASN A 18 -19.20 14.06 0.43
CA ASN A 18 -19.45 13.42 -0.86
C ASN A 18 -18.27 13.77 -1.75
N LEU A 19 -18.10 13.02 -2.84
CA LEU A 19 -17.04 13.29 -3.80
C LEU A 19 -17.40 12.72 -5.15
N THR A 20 -16.78 13.27 -6.19
CA THR A 20 -16.97 12.75 -7.51
C THR A 20 -15.61 12.73 -8.17
N VAL A 21 -15.26 11.60 -8.79
CA VAL A 21 -14.02 11.48 -9.56
C VAL A 21 -14.34 11.12 -11.03
N TYR A 22 -13.38 11.31 -11.92
CA TYR A 22 -13.64 11.36 -13.33
C TYR A 22 -12.70 10.51 -14.14
N CYS A 23 -13.24 10.00 -15.23
CA CYS A 23 -12.47 9.26 -16.21
C CYS A 23 -12.74 9.91 -17.58
N ASN A 24 -11.70 10.43 -18.24
CA ASN A 24 -11.87 11.13 -19.52
C ASN A 24 -11.04 10.54 -20.65
N SER A 25 -11.71 10.26 -21.76
CA SER A 25 -11.05 9.61 -22.87
C SER A 25 -11.01 10.50 -24.10
N SER A 26 -9.89 10.38 -24.81
CA SER A 26 -9.72 10.89 -26.17
C SER A 26 -10.67 10.20 -27.19
N SER A 27 -10.99 8.94 -26.91
CA SER A 27 -11.72 8.11 -27.88
C SER A 27 -12.94 7.39 -27.25
N VAL A 28 -13.92 7.08 -28.09
CA VAL A 28 -15.20 6.46 -27.67
C VAL A 28 -14.95 5.05 -27.16
N PHE A 29 -15.56 4.70 -26.02
CA PHE A 29 -15.52 3.33 -25.47
C PHE A 29 -16.83 2.55 -25.68
N SER A 30 -16.70 1.25 -25.97
CA SER A 30 -17.84 0.32 -25.98
C SER A 30 -18.41 0.17 -24.59
N SER A 31 -17.51 0.08 -23.63
CA SER A 31 -17.86 -0.07 -22.24
C SER A 31 -16.72 0.49 -21.40
N LEU A 32 -17.06 0.79 -20.15
CA LEU A 32 -16.09 1.28 -19.22
C LEU A 32 -16.35 0.62 -17.90
N GLN A 33 -15.27 0.28 -17.22
CA GLN A 33 -15.31 -0.42 -15.96
C GLN A 33 -14.62 0.46 -14.91
N TRP A 34 -15.10 0.39 -13.68
CA TRP A 34 -14.46 1.00 -12.52
C TRP A 34 -14.05 -0.06 -11.49
N TYR A 35 -12.84 0.10 -10.94
CA TYR A 35 -12.28 -0.81 -9.96
C TYR A 35 -11.82 -0.03 -8.75
N ARG A 36 -11.88 -0.66 -7.56
CA ARG A 36 -11.23 -0.14 -6.35
C ARG A 36 -10.11 -1.11 -5.91
N GLN A 37 -8.94 -0.57 -5.59
CA GLN A 37 -7.80 -1.39 -5.16
C GLN A 37 -7.23 -0.89 -3.84
N GLU A 38 -7.06 -1.82 -2.92
CA GLU A 38 -6.27 -1.57 -1.71
C GLU A 38 -4.83 -1.87 -1.95
N PRO A 39 -3.92 -1.21 -1.20
CA PRO A 39 -2.49 -1.45 -1.32
C PRO A 39 -2.06 -2.91 -1.33
N GLY A 40 -1.30 -3.29 -2.36
CA GLY A 40 -0.82 -4.65 -2.48
C GLY A 40 -1.90 -5.72 -2.53
N GLU A 41 -3.06 -5.35 -3.06
CA GLU A 41 -4.19 -6.26 -3.28
C GLU A 41 -4.68 -6.18 -4.73
N GLY A 42 -5.60 -7.04 -5.11
CA GLY A 42 -6.12 -7.04 -6.46
C GLY A 42 -7.26 -6.08 -6.59
N PRO A 43 -7.29 -5.28 -7.69
CA PRO A 43 -8.43 -4.43 -7.95
C PRO A 43 -9.74 -5.22 -7.93
N VAL A 44 -10.76 -4.61 -7.33
CA VAL A 44 -12.09 -5.20 -7.28
C VAL A 44 -13.02 -4.44 -8.22
N LEU A 45 -13.68 -5.16 -9.12
CA LEU A 45 -14.67 -4.57 -10.04
C LEU A 45 -15.90 -3.98 -9.34
N LEU A 46 -16.21 -2.73 -9.67
CA LEU A 46 -17.34 -2.07 -9.05
C LEU A 46 -18.53 -2.00 -10.00
N VAL A 47 -18.23 -1.75 -11.28
CA VAL A 47 -19.28 -1.56 -12.28
C VAL A 47 -18.74 -1.63 -13.68
N THR A 48 -19.61 -2.03 -14.60
CA THR A 48 -19.44 -1.82 -16.01
C THR A 48 -20.58 -0.96 -16.54
N VAL A 49 -20.25 0.09 -17.29
CA VAL A 49 -21.25 0.91 -17.99
C VAL A 49 -21.11 0.73 -19.51
N VAL A 50 -22.24 0.65 -20.20
CA VAL A 50 -22.25 0.12 -21.55
C VAL A 50 -22.95 1.02 -22.57
N THR A 51 -23.84 1.88 -22.09
CA THR A 51 -24.72 2.68 -22.94
C THR A 51 -24.51 4.15 -22.63
N GLY A 52 -24.32 4.96 -23.68
CA GLY A 52 -24.13 6.42 -23.50
C GLY A 52 -25.26 6.99 -22.67
N GLY A 53 -24.95 7.78 -21.65
CA GLY A 53 -25.98 8.34 -20.78
C GLY A 53 -26.39 7.51 -19.57
N GLU A 54 -26.03 6.22 -19.57
CA GLU A 54 -26.38 5.28 -18.50
C GLU A 54 -25.96 5.80 -17.13
N VAL A 55 -26.85 5.66 -16.15
CA VAL A 55 -26.52 5.94 -14.76
C VAL A 55 -26.84 4.70 -13.95
N LYS A 56 -25.90 4.30 -13.11
CA LYS A 56 -26.06 3.07 -12.34
C LYS A 56 -25.84 3.53 -10.91
N LYS A 57 -26.82 3.32 -10.03
CA LYS A 57 -26.58 3.53 -8.60
C LYS A 57 -26.45 2.21 -7.90
N LEU A 58 -25.25 1.93 -7.41
CA LEU A 58 -25.00 0.81 -6.52
C LEU A 58 -24.68 1.30 -5.11
N LYS A 59 -25.69 1.23 -4.24
CA LYS A 59 -25.70 1.79 -2.87
C LYS A 59 -25.16 3.22 -2.73
N ARG A 60 -24.03 3.42 -2.05
CA ARG A 60 -23.50 4.77 -1.86
C ARG A 60 -22.70 5.26 -3.09
N LEU A 61 -22.59 4.40 -4.10
CA LEU A 61 -21.80 4.73 -5.31
C LEU A 61 -22.74 4.96 -6.46
N THR A 62 -22.47 6.00 -7.25
CA THR A 62 -23.28 6.33 -8.42
C THR A 62 -22.33 6.54 -9.62
N PHE A 63 -22.59 5.86 -10.73
CA PHE A 63 -21.74 5.96 -11.92
C PHE A 63 -22.55 6.49 -13.08
N GLN A 64 -21.92 7.33 -13.91
CA GLN A 64 -22.52 7.77 -15.16
C GLN A 64 -21.54 7.52 -16.31
N PHE A 65 -22.07 7.06 -17.45
CA PHE A 65 -21.36 7.04 -18.73
C PHE A 65 -21.88 8.24 -19.53
N GLY A 66 -21.00 9.11 -20.03
CA GLY A 66 -21.45 10.30 -20.80
C GLY A 66 -22.19 9.88 -22.06
N ASP A 67 -23.06 10.74 -22.60
CA ASP A 67 -23.78 10.43 -23.86
C ASP A 67 -22.82 9.96 -24.96
N ALA A 68 -21.68 10.63 -25.11
CA ALA A 68 -20.75 10.33 -26.20
C ALA A 68 -19.85 9.11 -25.96
N ARG A 69 -19.99 8.50 -24.78
CA ARG A 69 -19.21 7.32 -24.34
C ARG A 69 -17.69 7.56 -24.23
N LYS A 70 -17.31 8.81 -23.94
CA LYS A 70 -15.90 9.20 -23.76
C LYS A 70 -15.54 9.66 -22.34
N ASP A 71 -16.50 9.63 -21.43
CA ASP A 71 -16.32 10.20 -20.11
C ASP A 71 -17.16 9.43 -19.11
N SER A 72 -16.62 9.29 -17.90
CA SER A 72 -17.36 8.64 -16.85
C SER A 72 -17.11 9.29 -15.51
N SER A 73 -18.16 9.38 -14.70
CA SER A 73 -18.00 9.83 -13.31
C SER A 73 -18.25 8.71 -12.30
N LEU A 74 -17.56 8.80 -11.16
CA LEU A 74 -17.86 7.97 -9.99
C LEU A 74 -18.10 8.88 -8.80
N HIS A 75 -19.25 8.72 -8.18
CA HIS A 75 -19.68 9.62 -7.11
C HIS A 75 -19.87 8.75 -5.86
N ILE A 76 -19.34 9.19 -4.72
CA ILE A 76 -19.58 8.48 -3.45
C ILE A 76 -20.36 9.40 -2.54
N THR A 77 -21.49 8.91 -2.01
CA THR A 77 -22.24 9.63 -0.97
C THR A 77 -21.78 9.24 0.44
N ALA A 78 -21.57 10.24 1.30
CA ALA A 78 -21.17 9.97 2.69
C ALA A 78 -19.97 9.01 2.77
N ALA A 79 -18.81 9.50 2.34
CA ALA A 79 -17.57 8.72 2.27
C ALA A 79 -17.21 8.16 3.63
N GLN A 80 -16.72 6.93 3.66
CA GLN A 80 -16.33 6.24 4.90
C GLN A 80 -14.83 5.94 4.87
N PRO A 81 -14.21 5.76 6.06
CA PRO A 81 -12.79 5.38 6.03
C PRO A 81 -12.51 4.21 5.09
N GLY A 82 -13.44 3.26 5.01
CA GLY A 82 -13.29 2.06 4.17
C GLY A 82 -13.26 2.30 2.68
N ASP A 83 -13.64 3.52 2.27
CA ASP A 83 -13.62 3.90 0.83
C ASP A 83 -12.22 4.24 0.37
N THR A 84 -11.29 4.44 1.30
CA THR A 84 -9.88 4.69 1.00
C THR A 84 -9.33 3.62 0.03
N GLY A 85 -8.66 4.07 -1.04
CA GLY A 85 -8.06 3.14 -1.99
C GLY A 85 -7.87 3.84 -3.32
N LEU A 86 -7.43 3.09 -4.32
CA LEU A 86 -7.13 3.63 -5.62
C LEU A 86 -8.26 3.22 -6.52
N TYR A 87 -8.92 4.22 -7.10
CA TYR A 87 -10.05 3.98 -8.00
C TYR A 87 -9.53 4.03 -9.41
N LEU A 88 -9.69 2.90 -10.10
CA LEU A 88 -9.20 2.71 -11.46
C LEU A 88 -10.32 2.68 -12.50
N CYS A 89 -10.08 3.34 -13.63
CA CYS A 89 -10.96 3.36 -14.78
C CYS A 89 -10.34 2.51 -15.89
N ALA A 90 -11.15 1.68 -16.57
CA ALA A 90 -10.64 0.91 -17.71
C ALA A 90 -11.65 0.76 -18.83
N GLY A 91 -11.16 0.77 -20.06
CA GLY A 91 -12.02 0.60 -21.22
C GLY A 91 -11.34 0.25 -22.53
N ALA A 92 -12.16 -0.03 -23.52
CA ALA A 92 -11.70 -0.25 -24.89
C ALA A 92 -12.79 0.28 -25.79
N GLY A 93 -12.45 0.57 -27.05
CA GLY A 93 -13.45 0.99 -28.03
C GLY A 93 -13.29 0.56 -29.47
N SER A 94 -13.62 -0.69 -29.77
CA SER A 94 -13.70 -1.15 -31.19
C SER A 94 -12.33 -1.44 -31.85
N GLN A 95 -11.29 -0.74 -31.40
CA GLN A 95 -9.90 -1.20 -31.55
C GLN A 95 -9.74 -2.40 -30.62
N GLY A 96 -10.47 -2.36 -29.51
CA GLY A 96 -10.56 -3.50 -28.59
C GLY A 96 -9.29 -3.70 -27.80
N ASN A 97 -8.45 -2.67 -27.75
CA ASN A 97 -7.36 -2.62 -26.80
C ASN A 97 -7.87 -2.02 -25.48
N LEU A 98 -8.05 -2.90 -24.49
CA LEU A 98 -8.37 -2.49 -23.13
C LEU A 98 -7.27 -1.59 -22.56
N ILE A 99 -7.65 -0.42 -22.05
CA ILE A 99 -6.68 0.51 -21.47
C ILE A 99 -7.04 0.92 -20.04
N PHE A 100 -6.03 0.92 -19.16
CA PHE A 100 -6.22 1.32 -17.77
C PHE A 100 -5.77 2.75 -17.51
N GLY A 101 -6.60 3.49 -16.78
CA GLY A 101 -6.18 4.76 -16.21
C GLY A 101 -5.17 4.58 -15.10
N LYS A 102 -4.56 5.69 -14.71
CA LYS A 102 -3.55 5.67 -13.64
C LYS A 102 -4.18 5.68 -12.28
N GLY A 103 -5.44 6.12 -12.21
CA GLY A 103 -6.22 6.02 -10.98
C GLY A 103 -6.32 7.34 -10.23
N THR A 104 -7.34 7.43 -9.38
CA THR A 104 -7.43 8.43 -8.36
C THR A 104 -7.16 7.75 -7.02
N LYS A 105 -6.18 8.26 -6.29
CA LYS A 105 -5.93 7.76 -4.93
C LYS A 105 -6.74 8.52 -3.89
N LEU A 106 -7.75 7.85 -3.35
CA LEU A 106 -8.63 8.45 -2.36
C LEU A 106 -8.22 8.11 -0.94
N SER A 107 -8.14 9.13 -0.10
CA SER A 107 -7.86 8.95 1.32
C SER A 107 -8.99 9.58 2.11
N VAL A 108 -9.73 8.78 2.87
CA VAL A 108 -10.83 9.27 3.69
C VAL A 108 -10.42 9.32 5.16
N LYS A 109 -10.44 10.52 5.74
CA LYS A 109 -10.00 10.71 7.12
C LYS A 109 -11.14 10.45 8.11
N PRO A 110 -10.94 9.54 9.07
CA PRO A 110 -12.00 9.22 10.01
C PRO A 110 -12.44 10.45 10.78
N ASN A 111 -13.73 10.50 11.12
CA ASN A 111 -14.25 11.61 11.91
C ASN A 111 -13.57 11.77 13.26
N ILE A 112 -13.46 13.02 13.70
CA ILE A 112 -12.96 13.33 15.03
C ILE A 112 -13.81 14.48 15.58
N GLN A 113 -14.83 14.13 16.36
CA GLN A 113 -15.86 15.08 16.78
C GLN A 113 -15.40 16.00 17.90
N ASN A 114 -14.47 15.51 18.73
CA ASN A 114 -13.79 16.35 19.72
C ASN A 114 -12.26 16.34 19.50
N PRO A 115 -11.78 17.09 18.49
CA PRO A 115 -10.34 17.14 18.20
C PRO A 115 -9.52 17.65 19.37
N ASP A 116 -8.26 17.26 19.42
CA ASP A 116 -7.34 17.62 20.46
C ASP A 116 -5.93 17.62 19.89
N PRO A 117 -5.64 18.49 18.92
CA PRO A 117 -4.37 18.29 18.22
C PRO A 117 -3.16 18.50 19.15
N ALA A 118 -2.22 17.57 19.11
CA ALA A 118 -1.08 17.65 20.00
C ALA A 118 0.13 16.98 19.38
N VAL A 119 1.32 17.49 19.74
CA VAL A 119 2.58 16.82 19.37
C VAL A 119 3.32 16.25 20.57
N TYR A 120 3.59 14.96 20.55
CA TYR A 120 4.23 14.30 21.70
C TYR A 120 5.57 13.76 21.27
N GLN A 121 6.47 13.60 22.23
CA GLN A 121 7.73 12.93 21.99
C GLN A 121 7.79 11.65 22.82
N LEU A 122 8.14 10.53 22.18
CA LEU A 122 8.20 9.23 22.81
C LEU A 122 9.64 8.73 22.81
N ARG A 123 10.02 7.96 23.83
CA ARG A 123 11.38 7.41 23.91
C ARG A 123 11.42 5.91 23.65
N ASP A 124 12.54 5.44 23.11
CA ASP A 124 12.72 4.04 22.71
C ASP A 124 12.73 3.17 23.96
N SER A 125 12.07 2.01 23.92
CA SER A 125 11.98 1.09 25.07
C SER A 125 13.34 0.68 25.60
N LYS A 126 14.26 0.44 24.65
CA LYS A 126 15.62 -0.02 24.94
C LYS A 126 16.48 1.18 25.29
N SER A 127 15.92 2.37 25.12
CA SER A 127 16.62 3.64 25.34
C SER A 127 18.05 3.61 24.78
N SER A 128 18.11 3.66 23.45
CA SER A 128 19.30 4.14 22.74
C SER A 128 19.19 5.66 22.80
N ASP A 129 18.14 6.05 23.53
CA ASP A 129 17.53 7.37 23.54
C ASP A 129 17.49 8.17 22.24
N LYS A 130 17.05 7.46 21.21
CA LYS A 130 16.49 8.10 20.05
C LYS A 130 15.00 8.30 20.42
N SER A 131 14.33 9.19 19.71
CA SER A 131 12.92 9.43 19.97
C SER A 131 12.13 9.48 18.67
N VAL A 132 10.80 9.45 18.78
CA VAL A 132 9.96 9.84 17.66
C VAL A 132 9.03 10.93 18.11
N CYS A 133 8.53 11.67 17.14
CA CYS A 133 7.55 12.72 17.36
C CYS A 133 6.21 12.18 16.86
N LEU A 134 5.18 12.31 17.68
CA LEU A 134 3.84 11.87 17.31
C LEU A 134 2.90 13.06 17.23
N PHE A 135 2.35 13.34 16.04
CA PHE A 135 1.32 14.41 15.89
C PHE A 135 -0.02 13.70 15.78
N THR A 136 -0.95 13.96 16.70
CA THR A 136 -2.20 13.21 16.76
C THR A 136 -3.42 14.05 17.13
N ASP A 137 -4.61 13.48 16.88
CA ASP A 137 -5.90 14.00 17.36
C ASP A 137 -6.29 15.31 16.63
N PHE A 138 -5.70 15.49 15.44
CA PHE A 138 -6.01 16.60 14.56
C PHE A 138 -7.19 16.30 13.59
N ASP A 139 -7.96 17.33 13.27
CA ASP A 139 -9.09 17.21 12.33
C ASP A 139 -8.72 17.12 10.84
N SER A 140 -9.72 16.96 9.98
CA SER A 140 -9.51 16.64 8.56
C SER A 140 -8.93 17.78 7.71
N GLN A 141 -8.91 18.99 8.25
CA GLN A 141 -8.44 20.17 7.53
C GLN A 141 -6.97 20.47 7.83
N THR A 142 -6.35 19.54 8.56
CA THR A 142 -4.92 19.53 8.72
C THR A 142 -4.34 18.71 7.57
N ASN A 143 -3.37 19.28 6.85
CA ASN A 143 -2.56 18.47 5.96
C ASN A 143 -1.11 18.33 6.43
N VAL A 144 -0.59 17.09 6.31
CA VAL A 144 0.71 16.72 6.86
C VAL A 144 1.75 16.57 5.75
N LYS A 148 13.56 19.28 6.66
CA LYS A 148 13.68 19.80 5.30
C LYS A 148 14.49 18.89 4.36
N ASP A 149 14.60 17.61 4.68
CA ASP A 149 15.30 16.67 3.78
C ASP A 149 14.84 15.22 3.89
N SER A 150 15.58 14.33 3.23
CA SER A 150 15.31 12.88 3.25
C SER A 150 15.78 12.25 4.55
N ASP A 151 16.51 13.02 5.37
CA ASP A 151 16.94 12.58 6.72
C ASP A 151 15.78 12.65 7.71
N VAL A 152 15.27 13.85 7.94
CA VAL A 152 14.06 14.04 8.72
C VAL A 152 12.99 13.23 8.00
N TYR A 153 12.43 12.27 8.71
CA TYR A 153 11.60 11.24 8.11
C TYR A 153 10.17 11.31 8.65
N ILE A 154 9.18 11.09 7.79
CA ILE A 154 7.79 11.32 8.17
C ILE A 154 6.87 10.21 7.68
N THR A 155 5.88 9.87 8.51
CA THR A 155 4.75 9.04 8.14
C THR A 155 3.45 9.80 8.41
N ASP A 156 2.56 9.90 7.41
CA ASP A 156 1.33 10.68 7.59
C ASP A 156 0.31 10.07 8.57
N SER A 169 -6.04 7.79 8.85
CA SER A 169 -6.40 8.05 10.27
C SER A 169 -5.91 9.41 10.81
N ASN A 170 -5.94 9.64 12.13
CA ASN A 170 -5.70 11.02 12.59
C ASN A 170 -4.33 11.27 13.25
N SER A 171 -3.31 10.47 12.88
CA SER A 171 -1.99 10.70 13.45
C SER A 171 -0.83 10.64 12.46
N ALA A 172 0.27 11.31 12.79
CA ALA A 172 1.47 11.29 11.95
C ALA A 172 2.70 11.10 12.84
N VAL A 173 3.73 10.40 12.36
CA VAL A 173 4.97 10.26 13.14
C VAL A 173 6.17 10.79 12.37
N ALA A 174 7.15 11.30 13.09
CA ALA A 174 8.37 11.77 12.46
C ALA A 174 9.57 11.24 13.21
N TRP A 175 10.66 10.97 12.52
CA TRP A 175 11.89 10.55 13.21
C TRP A 175 13.11 10.90 12.37
N SER A 176 14.29 10.81 12.99
CA SER A 176 15.57 11.18 12.35
C SER A 176 16.73 10.61 13.16
N ASN A 177 17.88 10.40 12.50
CA ASN A 177 19.06 9.92 13.23
C ASN A 177 20.09 11.01 13.54
N LYS A 178 19.60 12.26 13.55
CA LYS A 178 20.39 13.41 13.97
C LYS A 178 20.05 13.75 15.42
N SER A 179 20.97 14.44 16.08
CA SER A 179 20.84 14.82 17.50
C SER A 179 20.16 16.18 17.72
N ASP A 180 20.32 17.09 16.75
CA ASP A 180 19.61 18.37 16.76
C ASP A 180 18.14 18.24 16.30
N PHE A 181 17.70 17.00 16.06
CA PHE A 181 16.31 16.71 15.68
C PHE A 181 15.35 16.99 16.83
N ALA A 182 14.57 18.06 16.68
CA ALA A 182 13.56 18.41 17.66
C ALA A 182 12.16 18.25 17.06
N CYS A 183 11.19 17.92 17.91
CA CYS A 183 9.81 17.75 17.47
C CYS A 183 9.18 19.05 16.98
N ALA A 184 9.61 20.18 17.56
CA ALA A 184 9.20 21.49 17.07
C ALA A 184 9.59 21.70 15.61
N ASN A 185 10.75 21.17 15.22
CA ASN A 185 11.20 21.25 13.83
C ASN A 185 10.41 20.36 12.87
N ALA A 186 10.24 19.09 13.26
CA ALA A 186 9.53 18.11 12.43
C ALA A 186 8.08 18.48 12.14
N PHE A 187 7.40 19.08 13.11
CA PHE A 187 6.04 19.54 12.92
C PHE A 187 5.95 21.06 13.15
N ASN A 188 6.37 21.81 12.13
CA ASN A 188 6.12 23.28 11.96
C ASN A 188 6.70 23.81 10.64
N ASN A 189 6.08 24.86 10.10
CA ASN A 189 6.13 25.23 8.67
C ASN A 189 5.19 24.25 7.96
N SER A 190 4.99 23.10 8.63
CA SER A 190 3.88 22.19 8.39
C SER A 190 2.55 22.84 8.81
N ILE A 191 1.53 22.01 9.02
CA ILE A 191 0.18 22.50 9.29
C ILE A 191 -0.38 21.92 10.60
N ILE A 192 0.37 22.10 11.68
CA ILE A 192 -0.20 22.04 13.02
C ILE A 192 -1.19 23.21 13.17
N PRO A 193 -2.43 22.92 13.60
CA PRO A 193 -3.43 23.99 13.81
C PRO A 193 -3.13 24.93 15.00
N GLU A 194 -3.91 26.00 15.11
CA GLU A 194 -3.65 27.11 16.02
C GLU A 194 -3.55 26.69 17.50
N ASP A 195 -4.41 25.77 17.93
CA ASP A 195 -4.45 25.43 19.36
C ASP A 195 -3.85 24.05 19.63
N THR A 196 -2.71 23.74 19.01
CA THR A 196 -2.05 22.45 19.19
C THR A 196 -1.39 22.42 20.59
N PHE A 197 -1.60 21.32 21.31
CA PHE A 197 -0.95 21.15 22.60
C PHE A 197 0.47 20.64 22.27
N PHE A 198 1.49 21.38 22.68
CA PHE A 198 2.86 21.04 22.35
C PHE A 198 3.72 21.03 23.62
N PRO A 199 3.68 19.94 24.43
CA PRO A 199 4.51 19.87 25.66
C PRO A 199 6.01 19.89 25.35
N SER A 200 6.82 20.37 26.30
CA SER A 200 8.26 20.17 26.22
C SER A 200 8.57 18.66 26.30
N GLY B 5 -11.35 -17.14 -6.24
CA GLY B 5 -11.45 -17.73 -7.61
C GLY B 5 -10.11 -17.70 -8.34
N ILE B 6 -9.18 -16.92 -7.83
CA ILE B 6 -7.91 -16.75 -8.52
C ILE B 6 -6.73 -16.74 -7.55
N THR B 7 -5.75 -17.61 -7.78
CA THR B 7 -4.60 -17.64 -6.90
C THR B 7 -3.32 -17.25 -7.60
N GLN B 8 -2.58 -16.39 -6.93
CA GLN B 8 -1.22 -16.10 -7.30
C GLN B 8 -0.42 -16.53 -6.11
N SER B 9 0.78 -17.02 -6.34
CA SER B 9 1.65 -17.53 -5.29
C SER B 9 3.06 -17.44 -5.86
N PRO B 10 4.03 -17.02 -5.02
CA PRO B 10 3.86 -16.57 -3.64
C PRO B 10 3.57 -15.07 -3.56
N LYS B 11 3.24 -14.58 -2.37
CA LYS B 11 3.01 -13.15 -2.15
C LYS B 11 4.24 -12.28 -2.45
N TYR B 12 5.42 -12.78 -2.05
CA TYR B 12 6.67 -12.04 -2.25
C TYR B 12 7.72 -12.88 -2.97
N LEU B 13 8.45 -12.24 -3.87
CA LEU B 13 9.47 -12.91 -4.64
C LEU B 13 10.72 -12.06 -4.57
N PHE B 14 11.83 -12.69 -4.18
CA PHE B 14 13.13 -12.04 -4.30
C PHE B 14 14.11 -12.83 -5.18
N ARG B 15 14.75 -12.14 -6.13
CA ARG B 15 15.67 -12.78 -7.07
C ARG B 15 16.89 -11.90 -7.40
N LYS B 16 18.05 -12.51 -7.65
CA LYS B 16 19.23 -11.80 -8.17
C LYS B 16 19.05 -11.62 -9.68
N GLU B 17 19.56 -10.52 -10.24
CA GLU B 17 19.45 -10.25 -11.69
C GLU B 17 20.10 -11.37 -12.49
N GLY B 18 19.49 -11.74 -13.61
CA GLY B 18 19.99 -12.82 -14.46
C GLY B 18 19.28 -14.15 -14.23
N GLN B 19 18.54 -14.22 -13.11
CA GLN B 19 17.82 -15.42 -12.73
C GLN B 19 16.38 -15.31 -13.26
N ASN B 20 15.96 -16.28 -14.06
CA ASN B 20 14.55 -16.35 -14.49
C ASN B 20 13.65 -16.71 -13.33
N VAL B 21 12.44 -16.16 -13.34
CA VAL B 21 11.45 -16.42 -12.30
C VAL B 21 10.15 -16.68 -13.01
N THR B 22 9.40 -17.68 -12.56
CA THR B 22 8.09 -17.93 -13.12
C THR B 22 7.09 -17.65 -12.02
N LEU B 23 6.14 -16.76 -12.31
CA LEU B 23 5.07 -16.39 -11.38
C LEU B 23 3.83 -17.21 -11.71
N SER B 24 3.25 -17.86 -10.70
CA SER B 24 2.09 -18.69 -10.97
C SER B 24 0.78 -17.89 -10.92
N CYS B 25 -0.15 -18.27 -11.79
CA CYS B 25 -1.52 -17.78 -11.72
C CYS B 25 -2.43 -18.96 -12.06
N GLU B 26 -3.32 -19.29 -11.13
CA GLU B 26 -4.28 -20.37 -11.29
C GLU B 26 -5.68 -19.86 -11.01
N GLN B 27 -6.65 -20.42 -11.71
CA GLN B 27 -7.96 -19.83 -11.86
C GLN B 27 -8.99 -20.97 -11.88
N ASN B 28 -10.06 -20.83 -11.09
CA ASN B 28 -11.09 -21.85 -11.01
C ASN B 28 -12.49 -21.36 -11.39
N LEU B 29 -12.53 -20.21 -12.07
CA LEU B 29 -13.78 -19.53 -12.40
C LEU B 29 -14.30 -20.00 -13.76
N ASN B 30 -13.56 -20.91 -14.38
CA ASN B 30 -13.84 -21.43 -15.72
C ASN B 30 -13.87 -20.34 -16.81
N HIS B 31 -13.01 -19.35 -16.62
CA HIS B 31 -12.86 -18.24 -17.54
C HIS B 31 -11.91 -18.62 -18.68
N ASP B 32 -12.24 -18.17 -19.88
CA ASP B 32 -11.41 -18.42 -21.03
C ASP B 32 -10.24 -17.48 -21.04
N ALA B 33 -10.50 -16.21 -20.74
CA ALA B 33 -9.48 -15.18 -20.94
C ALA B 33 -8.69 -14.94 -19.66
N MET B 34 -7.39 -14.72 -19.82
CA MET B 34 -6.52 -14.47 -18.68
C MET B 34 -5.55 -13.37 -19.09
N TYR B 35 -5.06 -12.67 -18.08
CA TYR B 35 -4.30 -11.45 -18.31
C TYR B 35 -3.17 -11.35 -17.32
N TRP B 36 -2.02 -10.83 -17.75
CA TRP B 36 -0.97 -10.40 -16.81
C TRP B 36 -0.74 -8.91 -16.94
N TYR B 37 -0.55 -8.26 -15.78
CA TYR B 37 -0.22 -6.83 -15.75
C TYR B 37 0.94 -6.59 -14.81
N ARG B 38 1.65 -5.49 -15.03
CA ARG B 38 2.57 -5.00 -14.01
C ARG B 38 2.07 -3.66 -13.50
N GLN B 39 2.24 -3.41 -12.21
CA GLN B 39 1.82 -2.14 -11.64
C GLN B 39 3.02 -1.40 -11.08
N ASP B 40 3.24 -0.20 -11.60
CA ASP B 40 4.32 0.65 -11.12
C ASP B 40 3.69 1.92 -10.58
N PRO B 41 4.20 2.44 -9.45
CA PRO B 41 3.66 3.66 -8.77
C PRO B 41 3.24 4.85 -9.65
N GLY B 42 3.95 5.10 -10.74
CA GLY B 42 3.64 6.24 -11.63
C GLY B 42 2.75 5.93 -12.83
N GLN B 43 2.08 4.78 -12.83
CA GLN B 43 1.50 4.27 -14.08
C GLN B 43 0.13 3.58 -13.99
N GLY B 44 -0.25 3.08 -12.81
CA GLY B 44 -1.39 2.17 -12.71
C GLY B 44 -0.98 0.84 -13.32
N LEU B 45 -1.92 0.18 -14.03
CA LEU B 45 -1.74 -1.15 -14.60
C LEU B 45 -1.39 -1.14 -16.09
N ARG B 46 -0.33 -1.85 -16.45
CA ARG B 46 0.03 -2.03 -17.87
C ARG B 46 -0.03 -3.50 -18.28
N LEU B 47 -0.68 -3.75 -19.41
CA LEU B 47 -0.83 -5.14 -19.87
C LEU B 47 0.50 -5.68 -20.38
N ILE B 48 0.84 -6.87 -19.88
CA ILE B 48 2.02 -7.60 -20.33
C ILE B 48 1.61 -8.59 -21.40
N TYR B 49 0.65 -9.46 -21.07
CA TYR B 49 0.15 -10.47 -21.97
C TYR B 49 -1.35 -10.71 -21.74
N TYR B 50 -2.04 -11.04 -22.83
CA TYR B 50 -3.44 -11.32 -22.85
C TYR B 50 -3.62 -12.69 -23.55
N SER B 51 -4.39 -13.58 -22.92
CA SER B 51 -4.72 -14.87 -23.51
C SER B 51 -6.24 -15.07 -23.45
N GLN B 52 -6.90 -14.92 -24.60
CA GLN B 52 -8.36 -14.91 -24.62
C GLN B 52 -8.99 -16.30 -24.49
N ILE B 53 -8.22 -17.30 -24.93
CA ILE B 53 -8.63 -18.72 -24.92
C ILE B 53 -7.35 -19.54 -24.77
N VAL B 54 -7.50 -20.79 -24.33
CA VAL B 54 -6.38 -21.72 -24.22
C VAL B 54 -5.53 -21.72 -25.50
N ASN B 55 -4.21 -21.66 -25.33
CA ASN B 55 -3.24 -21.70 -26.44
C ASN B 55 -3.03 -20.40 -27.23
N ASP B 56 -3.85 -19.38 -26.95
CA ASP B 56 -3.78 -18.10 -27.64
C ASP B 56 -3.14 -17.07 -26.73
N PHE B 57 -2.10 -16.39 -27.20
CA PHE B 57 -1.62 -15.22 -26.46
C PHE B 57 -1.19 -14.03 -27.31
N GLN B 58 -1.50 -12.84 -26.81
CA GLN B 58 -1.16 -11.61 -27.46
C GLN B 58 -0.39 -10.70 -26.50
N LYS B 59 0.70 -10.16 -27.02
CA LYS B 59 1.60 -9.31 -26.28
C LYS B 59 0.92 -7.97 -25.98
N GLY B 60 1.15 -7.45 -24.78
CA GLY B 60 0.78 -6.07 -24.44
C GLY B 60 1.82 -5.07 -24.94
N ASP B 61 1.76 -3.84 -24.44
CA ASP B 61 2.71 -2.80 -24.83
C ASP B 61 4.11 -2.97 -24.23
N ILE B 62 4.19 -3.78 -23.19
CA ILE B 62 5.43 -3.98 -22.45
C ILE B 62 5.71 -5.48 -22.23
N ALA B 63 5.54 -6.28 -23.26
CA ALA B 63 5.87 -7.71 -23.17
C ALA B 63 7.37 -7.96 -23.37
N GLU B 64 8.11 -6.93 -23.77
CA GLU B 64 9.55 -7.04 -23.97
C GLU B 64 10.27 -7.62 -22.74
N GLY B 65 10.91 -8.77 -22.91
CA GLY B 65 11.54 -9.49 -21.80
C GLY B 65 10.62 -10.39 -20.97
N TYR B 66 9.38 -10.60 -21.40
CA TYR B 66 8.45 -11.48 -20.67
C TYR B 66 8.02 -12.68 -21.51
N SER B 67 7.66 -13.79 -20.86
CA SER B 67 7.19 -14.96 -21.59
C SER B 67 6.03 -15.61 -20.85
N VAL B 68 5.04 -16.12 -21.61
CA VAL B 68 3.88 -16.85 -21.04
C VAL B 68 3.54 -18.17 -21.76
N SER B 69 2.89 -19.07 -21.04
CA SER B 69 2.35 -20.27 -21.68
C SER B 69 0.89 -20.44 -21.30
N ARG B 70 0.12 -21.11 -22.16
CA ARG B 70 -1.30 -21.34 -21.90
C ARG B 70 -1.77 -22.67 -22.49
N GLU B 71 -1.18 -23.76 -22.00
CA GLU B 71 -1.54 -25.13 -22.40
C GLU B 71 -2.81 -25.62 -21.72
N LYS B 72 -3.19 -24.96 -20.62
CA LYS B 72 -4.36 -25.33 -19.83
C LYS B 72 -5.26 -24.11 -19.64
N LYS B 73 -6.56 -24.37 -19.48
CA LYS B 73 -7.53 -23.29 -19.30
C LYS B 73 -7.32 -22.58 -17.96
N GLU B 74 -6.94 -23.36 -16.96
CA GLU B 74 -6.94 -22.94 -15.57
C GLU B 74 -5.68 -22.21 -15.10
N SER B 75 -4.57 -22.30 -15.85
CA SER B 75 -3.28 -21.68 -15.44
C SER B 75 -2.71 -20.76 -16.51
N PHE B 76 -2.02 -19.71 -16.10
CA PHE B 76 -1.36 -18.76 -16.99
C PHE B 76 -0.02 -18.31 -16.36
N PRO B 77 1.02 -19.16 -16.45
CA PRO B 77 2.33 -18.84 -15.87
C PRO B 77 3.09 -17.71 -16.58
N LEU B 78 3.63 -16.76 -15.80
CA LEU B 78 4.44 -15.66 -16.35
C LEU B 78 5.91 -15.86 -16.00
N THR B 79 6.79 -15.89 -17.01
CA THR B 79 8.22 -15.95 -16.79
C THR B 79 8.81 -14.55 -17.05
N VAL B 80 9.57 -14.05 -16.09
CA VAL B 80 10.28 -12.80 -16.26
C VAL B 80 11.75 -13.16 -16.53
N THR B 81 12.24 -12.79 -17.71
CA THR B 81 13.58 -13.19 -18.13
C THR B 81 14.57 -12.04 -17.94
N SER B 82 15.86 -12.36 -18.11
CA SER B 82 16.98 -11.43 -17.94
C SER B 82 16.90 -10.21 -18.90
N ALA B 83 16.05 -10.34 -19.92
CA ALA B 83 15.90 -9.35 -21.00
C ALA B 83 15.02 -8.16 -20.61
N GLN B 84 14.20 -8.36 -19.59
CA GLN B 84 13.49 -7.29 -18.91
C GLN B 84 14.47 -6.60 -17.97
N LYS B 85 14.74 -5.32 -18.21
CA LYS B 85 15.78 -4.58 -17.51
C LYS B 85 15.29 -3.87 -16.25
N ASN B 86 13.97 -3.70 -16.14
CA ASN B 86 13.32 -3.11 -14.98
C ASN B 86 12.25 -4.04 -14.40
N PRO B 87 12.62 -5.26 -13.95
CA PRO B 87 11.60 -6.25 -13.57
C PRO B 87 10.94 -6.04 -12.21
N THR B 88 11.52 -5.24 -11.32
CA THR B 88 10.88 -4.94 -10.03
C THR B 88 9.51 -4.21 -10.21
N ALA B 89 8.47 -4.77 -9.62
CA ALA B 89 7.07 -4.37 -9.82
C ALA B 89 6.13 -5.30 -9.07
N PHE B 90 4.86 -4.90 -9.02
CA PHE B 90 3.76 -5.69 -8.48
C PHE B 90 3.06 -6.25 -9.68
N TYR B 91 2.95 -7.58 -9.72
CA TYR B 91 2.39 -8.30 -10.86
C TYR B 91 1.03 -8.87 -10.50
N LEU B 92 0.05 -8.57 -11.34
CA LEU B 92 -1.33 -8.94 -11.11
C LEU B 92 -1.83 -9.77 -12.27
N CYS B 93 -2.47 -10.88 -11.93
CA CYS B 93 -3.14 -11.73 -12.88
C CYS B 93 -4.64 -11.51 -12.76
N ALA B 94 -5.35 -11.66 -13.89
CA ALA B 94 -6.80 -11.52 -13.88
C ALA B 94 -7.41 -12.51 -14.85
N SER B 95 -8.73 -12.71 -14.72
CA SER B 95 -9.44 -13.50 -15.68
C SER B 95 -10.79 -12.86 -15.98
N SER B 96 -11.38 -13.25 -17.12
CA SER B 96 -12.70 -12.74 -17.50
C SER B 96 -13.37 -13.78 -18.39
N SER B 97 -14.67 -13.66 -18.62
CA SER B 97 -15.34 -14.39 -19.69
C SER B 97 -14.72 -14.04 -21.06
N ARG B 98 -14.89 -14.92 -22.03
CA ARG B 98 -14.22 -14.79 -23.33
C ARG B 98 -14.60 -13.49 -24.05
N SER B 99 -15.90 -13.18 -24.04
CA SER B 99 -16.40 -12.01 -24.75
C SER B 99 -16.64 -10.83 -23.81
N SER B 100 -15.70 -10.58 -22.93
CA SER B 100 -15.86 -9.51 -21.95
C SER B 100 -14.51 -8.98 -21.49
N TYR B 101 -14.51 -7.73 -21.03
CA TYR B 101 -13.34 -7.17 -20.36
C TYR B 101 -13.57 -6.93 -18.85
N GLU B 102 -14.68 -7.49 -18.32
CA GLU B 102 -14.99 -7.45 -16.88
C GLU B 102 -14.10 -8.45 -16.16
N GLN B 103 -13.11 -7.95 -15.41
CA GLN B 103 -12.06 -8.81 -14.91
C GLN B 103 -12.10 -9.03 -13.41
N TYR B 104 -11.59 -10.20 -13.03
CA TYR B 104 -11.49 -10.59 -11.65
C TYR B 104 -10.00 -10.85 -11.37
N PHE B 105 -9.44 -10.14 -10.39
CA PHE B 105 -8.00 -10.11 -10.21
C PHE B 105 -7.55 -11.04 -9.12
N GLY B 106 -6.34 -11.59 -9.29
CA GLY B 106 -5.65 -12.27 -8.21
C GLY B 106 -5.13 -11.30 -7.15
N PRO B 107 -4.51 -11.83 -6.09
CA PRO B 107 -3.98 -10.97 -5.00
C PRO B 107 -2.71 -10.22 -5.34
N GLY B 108 -2.04 -10.59 -6.44
CA GLY B 108 -0.82 -9.97 -6.89
C GLY B 108 0.42 -10.55 -6.21
N THR B 109 1.58 -10.37 -6.84
CA THR B 109 2.83 -10.73 -6.23
C THR B 109 3.88 -9.65 -6.42
N ARG B 110 4.60 -9.36 -5.35
CA ARG B 110 5.69 -8.40 -5.36
C ARG B 110 6.96 -9.05 -5.73
N LEU B 111 7.46 -8.72 -6.91
CA LEU B 111 8.77 -9.15 -7.32
C LEU B 111 9.78 -8.04 -7.14
N THR B 112 10.89 -8.37 -6.47
CA THR B 112 12.04 -7.49 -6.39
C THR B 112 13.26 -8.22 -6.91
N VAL B 113 13.99 -7.57 -7.81
CA VAL B 113 15.22 -8.08 -8.42
C VAL B 113 16.36 -7.13 -8.07
N THR B 114 17.49 -7.71 -7.66
CA THR B 114 18.64 -6.96 -7.21
C THR B 114 19.92 -7.39 -7.95
N GLU B 115 20.83 -6.45 -8.11
CA GLU B 115 22.18 -6.70 -8.67
C GLU B 115 22.98 -7.78 -7.90
N ASP B 116 22.75 -7.85 -6.59
CA ASP B 116 23.58 -8.63 -5.68
C ASP B 116 22.75 -9.09 -4.47
N LEU B 117 22.86 -10.36 -4.08
CA LEU B 117 22.18 -10.86 -2.87
C LEU B 117 22.66 -10.15 -1.58
N LYS B 118 23.85 -9.53 -1.64
CA LYS B 118 24.43 -8.83 -0.49
C LYS B 118 23.71 -7.50 -0.19
N ASN B 119 22.77 -7.11 -1.06
CA ASN B 119 22.01 -5.87 -0.86
C ASN B 119 20.77 -6.07 0.06
N VAL B 120 20.51 -7.30 0.45
CA VAL B 120 19.43 -7.65 1.38
C VAL B 120 19.81 -7.40 2.83
N PHE B 121 18.92 -6.76 3.58
CA PHE B 121 19.10 -6.49 5.02
C PHE B 121 17.76 -6.58 5.70
N PRO B 122 17.69 -7.29 6.82
CA PRO B 122 16.46 -7.39 7.58
C PRO B 122 16.17 -6.10 8.37
N PRO B 123 14.92 -5.90 8.81
CA PRO B 123 14.65 -4.68 9.56
C PRO B 123 15.32 -4.67 10.91
N GLU B 124 15.66 -3.48 11.39
CA GLU B 124 15.80 -3.30 12.84
C GLU B 124 14.43 -2.85 13.36
N VAL B 125 14.06 -3.24 14.57
CA VAL B 125 12.71 -2.94 15.05
C VAL B 125 12.81 -2.30 16.42
N ALA B 126 12.09 -1.21 16.62
CA ALA B 126 12.11 -0.54 17.90
C ALA B 126 10.70 -0.07 18.28
N VAL B 127 10.37 -0.16 19.57
CA VAL B 127 9.10 0.34 20.07
C VAL B 127 9.40 1.50 20.97
N PHE B 128 8.69 2.60 20.73
CA PHE B 128 8.74 3.84 21.50
C PHE B 128 7.55 3.91 22.45
N GLU B 129 7.85 4.15 23.72
CA GLU B 129 6.84 4.14 24.79
C GLU B 129 5.95 5.37 24.81
N PRO B 130 4.68 5.21 25.22
CA PRO B 130 3.73 6.30 25.33
C PRO B 130 4.23 7.48 26.15
N SER B 131 3.98 8.66 25.62
CA SER B 131 4.29 9.91 26.30
C SER B 131 3.40 10.10 27.53
N GLU B 132 4.03 10.38 28.66
CA GLU B 132 3.33 10.74 29.89
C GLU B 132 2.46 11.98 29.70
N ALA B 133 2.87 12.90 28.81
CA ALA B 133 2.05 14.09 28.53
C ALA B 133 0.76 13.73 27.75
N GLU B 134 0.85 12.81 26.79
CA GLU B 134 -0.35 12.23 26.17
C GLU B 134 -1.26 11.57 27.21
N ILE B 135 -0.68 10.83 28.14
CA ILE B 135 -1.46 10.11 29.14
C ILE B 135 -2.28 11.06 30.03
N SER B 136 -1.66 12.15 30.47
CA SER B 136 -2.33 13.11 31.33
C SER B 136 -3.31 14.01 30.57
N HIS B 137 -3.04 14.21 29.29
CA HIS B 137 -3.85 15.07 28.44
C HIS B 137 -5.14 14.37 27.96
N THR B 138 -5.03 13.08 27.62
CA THR B 138 -6.08 12.39 26.88
C THR B 138 -6.58 11.14 27.54
N GLN B 139 -5.83 10.64 28.54
CA GLN B 139 -6.15 9.37 29.20
C GLN B 139 -5.95 8.20 28.22
N LYS B 140 -5.17 8.43 27.17
CA LYS B 140 -4.86 7.41 26.17
C LYS B 140 -3.35 7.30 26.05
N ALA B 141 -2.89 6.17 25.51
CA ALA B 141 -1.45 5.92 25.42
C ALA B 141 -1.14 5.33 24.06
N THR B 142 -0.37 6.05 23.24
CA THR B 142 0.01 5.53 21.92
C THR B 142 1.42 4.99 21.91
N LEU B 143 1.52 3.72 21.57
CA LEU B 143 2.83 3.13 21.30
C LEU B 143 3.15 3.34 19.80
N VAL B 144 4.43 3.55 19.50
CA VAL B 144 4.88 3.59 18.11
C VAL B 144 5.91 2.49 17.85
N CYS B 145 5.73 1.71 16.77
CA CYS B 145 6.76 0.75 16.34
C CYS B 145 7.44 1.29 15.08
N LEU B 146 8.77 1.29 15.04
CA LEU B 146 9.52 1.54 13.80
C LEU B 146 10.34 0.36 13.33
N ALA B 147 10.10 -0.09 12.08
CA ALA B 147 10.98 -1.03 11.42
C ALA B 147 11.82 -0.24 10.39
N THR B 148 13.13 -0.41 10.44
CA THR B 148 14.01 0.48 9.68
C THR B 148 15.13 -0.29 9.00
N GLY B 149 15.63 0.31 7.92
CA GLY B 149 16.82 -0.14 7.22
C GLY B 149 16.68 -1.45 6.48
N PHE B 150 15.51 -1.78 5.99
CA PHE B 150 15.41 -3.09 5.35
C PHE B 150 15.34 -3.04 3.83
N TYR B 151 15.82 -4.11 3.20
CA TYR B 151 15.66 -4.29 1.77
C TYR B 151 15.60 -5.77 1.46
N PRO B 152 14.64 -6.23 0.61
CA PRO B 152 13.61 -5.54 -0.13
C PRO B 152 12.51 -5.03 0.80
N ASP B 153 11.61 -4.22 0.26
CA ASP B 153 10.46 -3.71 1.00
C ASP B 153 9.36 -4.76 1.16
N HIS B 154 9.74 -5.95 1.67
CA HIS B 154 8.82 -7.09 1.77
C HIS B 154 8.61 -7.43 3.24
N VAL B 155 7.64 -6.80 3.88
CA VAL B 155 7.48 -7.01 5.34
C VAL B 155 6.01 -6.98 5.71
N GLU B 156 5.69 -7.64 6.82
CA GLU B 156 4.35 -7.62 7.43
C GLU B 156 4.45 -7.35 8.92
N LEU B 157 3.88 -6.25 9.38
CA LEU B 157 3.98 -5.87 10.79
C LEU B 157 2.72 -6.23 11.58
N SER B 158 2.92 -6.74 12.80
CA SER B 158 1.79 -7.02 13.67
C SER B 158 2.09 -6.63 15.11
N TRP B 159 1.02 -6.42 15.87
CA TRP B 159 1.11 -6.14 17.29
C TRP B 159 0.52 -7.25 18.10
N TRP B 160 1.22 -7.58 19.18
CA TRP B 160 0.85 -8.70 20.04
C TRP B 160 0.85 -8.19 21.44
N VAL B 161 -0.23 -8.41 22.19
CA VAL B 161 -0.21 -8.08 23.59
C VAL B 161 -0.48 -9.31 24.43
N ASN B 162 0.42 -9.54 25.39
CA ASN B 162 0.41 -10.74 26.18
C ASN B 162 0.24 -11.97 25.29
N GLY B 163 0.99 -12.00 24.20
CA GLY B 163 1.06 -13.20 23.34
C GLY B 163 -0.12 -13.43 22.40
N LYS B 164 -1.11 -12.54 22.42
CA LYS B 164 -2.23 -12.59 21.46
C LYS B 164 -2.21 -11.39 20.53
N GLU B 165 -2.36 -11.65 19.22
CA GLU B 165 -2.37 -10.56 18.21
C GLU B 165 -3.55 -9.63 18.44
N VAL B 166 -3.35 -8.33 18.25
CA VAL B 166 -4.45 -7.41 18.32
C VAL B 166 -4.57 -6.61 17.05
N HIS B 167 -5.79 -6.12 16.79
CA HIS B 167 -6.03 -5.30 15.61
C HIS B 167 -6.67 -3.98 15.98
N SER B 168 -7.45 -3.99 17.05
CA SER B 168 -8.12 -2.80 17.56
C SER B 168 -7.05 -1.84 18.07
N GLY B 169 -7.14 -0.59 17.61
CA GLY B 169 -6.21 0.47 17.99
C GLY B 169 -4.96 0.52 17.12
N VAL B 170 -4.87 -0.32 16.10
CA VAL B 170 -3.63 -0.42 15.35
C VAL B 170 -3.79 0.44 14.11
N SER B 171 -2.73 1.16 13.77
CA SER B 171 -2.70 1.90 12.54
C SER B 171 -1.31 1.83 11.92
N THR B 172 -1.17 1.00 10.89
CA THR B 172 0.11 0.72 10.28
C THR B 172 0.18 1.43 8.93
N ASP B 173 1.38 1.86 8.54
CA ASP B 173 1.58 2.46 7.21
C ASP B 173 1.21 1.44 6.15
N PRO B 174 0.46 1.87 5.10
CA PRO B 174 -0.06 0.96 4.10
C PRO B 174 1.06 0.33 3.30
N GLN B 175 2.19 1.03 3.16
CA GLN B 175 3.34 0.46 2.44
C GLN B 175 4.65 0.95 3.01
N PRO B 176 5.74 0.14 2.87
CA PRO B 176 7.02 0.68 3.33
C PRO B 176 7.44 1.92 2.54
N LEU B 177 8.15 2.82 3.21
CA LEU B 177 8.60 4.10 2.63
C LEU B 177 10.10 4.05 2.43
N LYS B 178 10.55 4.55 1.28
CA LYS B 178 11.98 4.69 1.01
C LYS B 178 12.57 5.66 2.04
N GLU B 179 13.70 5.30 2.64
CA GLU B 179 14.40 6.21 3.53
C GLU B 179 15.11 7.32 2.74
N GLN B 180 15.35 7.04 1.46
CA GLN B 180 15.93 7.97 0.48
C GLN B 180 15.03 8.02 -0.75
N PRO B 181 13.84 8.66 -0.60
CA PRO B 181 12.76 8.67 -1.58
C PRO B 181 13.13 9.33 -2.91
N ALA B 182 14.06 10.26 -2.89
CA ALA B 182 14.49 10.95 -4.09
C ALA B 182 15.49 10.16 -4.95
N LEU B 183 15.80 8.92 -4.55
CA LEU B 183 16.90 8.18 -5.16
C LEU B 183 16.50 6.75 -5.46
N ASN B 184 17.15 6.13 -6.46
CA ASN B 184 16.87 4.74 -6.84
C ASN B 184 17.29 3.76 -5.76
N ASP B 185 18.49 3.98 -5.26
CA ASP B 185 19.10 3.05 -4.35
C ASP B 185 18.77 3.41 -2.91
N SER B 186 17.75 2.76 -2.36
CA SER B 186 17.25 3.10 -1.03
C SER B 186 16.83 1.88 -0.20
N ARG B 187 17.00 1.94 1.11
CA ARG B 187 16.41 0.98 2.04
C ARG B 187 15.06 1.54 2.46
N TYR B 188 14.32 0.78 3.28
CA TYR B 188 12.95 1.11 3.60
C TYR B 188 12.72 1.17 5.08
N SER B 189 11.71 1.94 5.48
CA SER B 189 11.21 1.97 6.84
C SER B 189 9.70 1.69 6.83
N LEU B 190 9.16 1.37 8.00
CA LEU B 190 7.71 1.23 8.15
C LEU B 190 7.34 1.60 9.58
N SER B 191 6.27 2.38 9.79
CA SER B 191 5.87 2.70 11.16
C SER B 191 4.48 2.18 11.44
N SER B 192 4.18 2.04 12.72
CA SER B 192 2.86 1.64 13.14
C SER B 192 2.55 2.21 14.52
N ARG B 193 1.28 2.49 14.77
CA ARG B 193 0.83 2.99 16.06
C ARG B 193 -0.12 1.98 16.67
N LEU B 194 0.04 1.72 17.96
CA LEU B 194 -0.98 1.03 18.77
C LEU B 194 -1.44 1.97 19.89
N ARG B 195 -2.73 2.28 19.94
CA ARG B 195 -3.27 3.18 20.96
C ARG B 195 -4.20 2.40 21.87
N VAL B 196 -3.94 2.48 23.17
CA VAL B 196 -4.72 1.77 24.17
C VAL B 196 -5.13 2.81 25.22
N SER B 197 -5.93 2.41 26.19
CA SER B 197 -6.25 3.30 27.31
C SER B 197 -5.02 3.45 28.19
N ALA B 198 -4.88 4.59 28.84
CA ALA B 198 -3.80 4.79 29.83
C ALA B 198 -3.78 3.68 30.89
N THR B 199 -4.95 3.32 31.40
CA THR B 199 -5.05 2.32 32.47
C THR B 199 -4.41 1.00 32.02
N PHE B 200 -4.62 0.62 30.76
CA PHE B 200 -4.09 -0.60 30.22
C PHE B 200 -2.56 -0.49 30.10
N TRP B 201 -2.05 0.64 29.62
CA TRP B 201 -0.58 0.84 29.54
C TRP B 201 0.07 0.84 30.94
N GLN B 202 -0.64 1.40 31.91
CA GLN B 202 -0.08 1.59 33.26
C GLN B 202 -0.05 0.30 34.09
N ASN B 203 -0.56 -0.79 33.52
CA ASN B 203 -0.54 -2.10 34.16
C ASN B 203 0.75 -2.84 33.77
N PRO B 204 1.69 -3.00 34.74
CA PRO B 204 3.01 -3.57 34.45
C PRO B 204 2.99 -5.03 34.00
N ARG B 205 1.85 -5.69 34.15
CA ARG B 205 1.69 -7.07 33.68
C ARG B 205 1.33 -7.19 32.21
N ASN B 206 1.05 -6.04 31.58
CA ASN B 206 0.81 -5.98 30.15
C ASN B 206 2.12 -5.84 29.37
N HIS B 207 2.34 -6.79 28.45
CA HIS B 207 3.53 -6.81 27.58
C HIS B 207 3.11 -6.59 26.11
N PHE B 208 3.73 -5.60 25.48
CA PHE B 208 3.36 -5.17 24.14
C PHE B 208 4.50 -5.49 23.21
N ARG B 209 4.19 -6.13 22.09
CA ARG B 209 5.23 -6.53 21.18
C ARG B 209 4.91 -6.11 19.77
N CYS B 210 5.91 -5.59 19.09
CA CYS B 210 5.78 -5.27 17.67
C CYS B 210 6.58 -6.31 16.93
N GLN B 211 5.94 -7.04 16.03
CA GLN B 211 6.58 -8.16 15.35
C GLN B 211 6.62 -7.86 13.84
N VAL B 212 7.78 -7.97 13.20
CA VAL B 212 7.90 -7.69 11.78
C VAL B 212 8.40 -8.95 11.05
N GLN B 213 7.57 -9.50 10.19
CA GLN B 213 7.95 -10.63 9.39
C GLN B 213 8.64 -10.05 8.19
N PHE B 214 9.91 -10.44 7.97
CA PHE B 214 10.69 -10.05 6.81
C PHE B 214 10.79 -11.17 5.77
N TYR B 215 10.60 -10.85 4.50
CA TYR B 215 10.80 -11.85 3.45
C TYR B 215 12.12 -11.53 2.76
N GLY B 216 13.07 -12.45 2.88
CA GLY B 216 14.41 -12.19 2.37
C GLY B 216 14.97 -13.42 1.66
N LEU B 217 16.22 -13.75 1.97
CA LEU B 217 16.90 -14.86 1.30
C LEU B 217 16.31 -16.22 1.67
N SER B 218 16.48 -17.19 0.79
CA SER B 218 15.97 -18.53 1.06
C SER B 218 17.18 -19.43 1.29
N GLU B 219 16.93 -20.66 1.76
CA GLU B 219 18.07 -21.50 2.20
C GLU B 219 18.84 -22.15 1.06
N ASN B 220 18.38 -21.93 -0.17
CA ASN B 220 19.14 -22.31 -1.35
C ASN B 220 20.00 -21.17 -1.92
N ASP B 221 19.86 -19.99 -1.31
CA ASP B 221 20.70 -18.83 -1.62
C ASP B 221 21.99 -18.98 -0.83
N GLU B 222 23.10 -18.69 -1.49
CA GLU B 222 24.39 -18.86 -0.86
C GLU B 222 24.86 -17.55 -0.21
N TRP B 223 25.63 -17.71 0.87
CA TRP B 223 26.02 -16.58 1.73
C TRP B 223 27.37 -16.87 2.33
N THR B 224 28.30 -15.92 2.16
CA THR B 224 29.68 -16.10 2.59
C THR B 224 30.18 -14.98 3.49
N GLN B 225 29.33 -13.99 3.75
CA GLN B 225 29.73 -12.80 4.50
C GLN B 225 29.70 -13.05 6.00
N ASP B 226 30.50 -12.30 6.75
CA ASP B 226 30.48 -12.40 8.23
C ASP B 226 29.11 -12.16 8.84
N ARG B 227 28.37 -11.18 8.33
CA ARG B 227 27.08 -10.88 8.94
C ARG B 227 26.08 -12.02 8.71
N ALA B 228 25.17 -12.20 9.66
CA ALA B 228 24.13 -13.21 9.62
C ALA B 228 23.37 -13.21 8.30
N LYS B 229 23.20 -14.35 7.63
CA LYS B 229 22.46 -14.30 6.38
C LYS B 229 21.07 -13.74 6.58
N PRO B 230 20.68 -12.78 5.72
CA PRO B 230 19.39 -12.09 5.79
C PRO B 230 18.26 -12.94 5.20
N VAL B 231 17.97 -14.03 5.89
CA VAL B 231 16.92 -14.91 5.50
C VAL B 231 15.59 -14.29 5.94
N THR B 232 14.53 -14.69 5.26
CA THR B 232 13.18 -14.46 5.75
C THR B 232 13.17 -14.89 7.21
N GLN B 233 12.62 -14.04 8.07
CA GLN B 233 12.79 -14.14 9.53
C GLN B 233 11.85 -13.13 10.20
N ILE B 234 11.57 -13.31 11.49
CA ILE B 234 10.80 -12.32 12.21
C ILE B 234 11.70 -11.53 13.13
N VAL B 235 11.50 -10.23 13.16
CA VAL B 235 12.26 -9.37 14.05
C VAL B 235 11.25 -8.67 14.94
N SER B 236 11.51 -8.65 16.25
CA SER B 236 10.53 -8.18 17.24
C SER B 236 11.16 -7.25 18.24
N ALA B 237 10.37 -6.32 18.82
CA ALA B 237 10.80 -5.48 19.94
C ALA B 237 9.60 -5.38 20.89
N GLU B 238 9.84 -5.06 22.17
CA GLU B 238 8.76 -5.05 23.18
C GLU B 238 8.84 -3.81 24.05
N ALA B 239 7.70 -3.37 24.61
CA ALA B 239 7.70 -2.45 25.72
C ALA B 239 6.63 -2.91 26.67
N TRP B 240 6.93 -2.85 27.96
CA TRP B 240 6.03 -3.38 28.97
C TRP B 240 5.34 -2.26 29.76
N GLY B 241 4.13 -2.55 30.27
CA GLY B 241 3.38 -1.59 31.04
C GLY B 241 4.20 -0.88 32.11
N ARG B 242 3.89 0.39 32.30
CA ARG B 242 4.63 1.19 33.25
C ARG B 242 3.66 1.94 34.19
N ALA B 243 3.74 1.63 35.49
CA ALA B 243 2.81 2.21 36.48
C ALA B 243 3.36 3.52 37.03
N ASP B 244 3.43 4.53 36.17
CA ASP B 244 4.03 5.82 36.51
C ASP B 244 3.10 6.72 37.37
#